data_2UUO
#
_entry.id   2UUO
#
_cell.length_a   65.297
_cell.length_b   65.297
_cell.length_c   134.779
_cell.angle_alpha   90.00
_cell.angle_beta   90.00
_cell.angle_gamma   90.00
#
_symmetry.space_group_name_H-M   'P 41'
#
loop_
_entity.id
_entity.type
_entity.pdbx_description
1 polymer 'UDP-N-ACETYLMURAMOYLALANINE--D-GLUTAMATE LIGASE'
2 non-polymer 'SULFATE ION'
3 non-polymer 'N-{[6-(PENTYLOXY)NAPHTHALEN-2-YL]SULFONYL}-D-GLUTAMIC ACID'
4 water water
#
_entity_poly.entity_id   1
_entity_poly.type   'polypeptide(L)'
_entity_poly.pdbx_seq_one_letter_code
;MADYQGKNVVIIGLGLTGLSCVDFFLARGVTPRVMDTRMTPPGLDKLPEAVERHTGSLNDEWLMAADLIVASPGIALAHP
SLSAAADAGIEIVGDIELFCREAQAPIVAITGSNGKSTVTTLVGEMAKAAGVNVGVGGNIGLPALMLLDDECELYVLELS
SFQLETTSSLQAVAATILNVTEDHMDRYPFGLQQYRAA(KCX)LRIYENAKVCVVNADDALTMPIRGADERCVSFGVNMG
DYHLNHQQGETWLRVKGEKVLNVKEMKLSGQHNYTNALAALALADAAGLPRASSLKALTTFTGLPHRFEVVLEHNGVRWI
NDSKATNVGSTEAALNGLHVDGTLHLLLGGDGKSADFSPLARYLNGDNVRLYCFGRDGAQLAALRPEVAEQTETMEQAMR
LLAPRVQPGDMVLLSPACASLDQFKNFEQRGNEFARLAKELGSHHHHHH
;
_entity_poly.pdbx_strand_id   A
#
loop_
_chem_comp.id
_chem_comp.type
_chem_comp.name
_chem_comp.formula
LK3 non-polymer 'N-{[6-(PENTYLOXY)NAPHTHALEN-2-YL]SULFONYL}-D-GLUTAMIC ACID' 'C20 H25 N O7 S'
SO4 non-polymer 'SULFATE ION' 'O4 S -2'
#
# COMPACT_ATOMS: atom_id res chain seq x y z
N ALA A 2 26.80 7.39 -1.28
CA ALA A 2 27.66 6.25 -0.84
C ALA A 2 28.45 5.73 -2.04
N ASP A 3 29.57 5.08 -1.73
CA ASP A 3 30.42 4.52 -2.75
C ASP A 3 30.46 2.99 -2.65
N TYR A 4 30.05 2.30 -3.71
CA TYR A 4 29.95 0.84 -3.65
C TYR A 4 31.01 0.08 -4.41
N GLN A 5 31.93 0.81 -5.04
CA GLN A 5 33.00 0.20 -5.85
C GLN A 5 33.79 -0.87 -5.15
N GLY A 6 34.10 -1.92 -5.91
CA GLY A 6 34.88 -3.03 -5.39
C GLY A 6 34.15 -3.87 -4.40
N LYS A 7 32.93 -3.47 -4.04
CA LYS A 7 32.20 -4.22 -3.06
C LYS A 7 31.46 -5.40 -3.64
N ASN A 8 31.41 -6.48 -2.88
CA ASN A 8 30.72 -7.68 -3.30
C ASN A 8 29.26 -7.51 -2.88
N VAL A 9 28.40 -7.27 -3.85
CA VAL A 9 27.01 -6.98 -3.55
C VAL A 9 26.06 -8.09 -3.91
N VAL A 10 25.17 -8.44 -2.99
CA VAL A 10 24.16 -9.49 -3.22
C VAL A 10 22.74 -8.90 -3.11
N ILE A 11 21.92 -9.13 -4.10
CA ILE A 11 20.57 -8.60 -4.11
C ILE A 11 19.63 -9.79 -3.90
N ILE A 12 18.72 -9.66 -2.93
CA ILE A 12 17.80 -10.73 -2.64
C ILE A 12 16.43 -10.36 -3.16
N GLY A 13 15.95 -11.08 -4.17
CA GLY A 13 14.66 -10.78 -4.75
C GLY A 13 14.73 -10.09 -6.11
N LEU A 14 14.08 -10.64 -7.10
CA LEU A 14 14.03 -9.97 -8.37
C LEU A 14 12.73 -9.17 -8.54
N GLY A 15 12.07 -9.34 -9.66
CA GLY A 15 10.97 -8.47 -9.99
C GLY A 15 11.46 -7.12 -10.37
N LEU A 16 10.54 -6.16 -10.45
CA LEU A 16 10.89 -4.80 -10.88
C LEU A 16 11.87 -4.13 -9.92
N THR A 17 11.65 -4.38 -8.62
CA THR A 17 12.51 -3.81 -7.59
C THR A 17 13.91 -4.38 -7.71
N GLY A 18 14.01 -5.70 -7.70
CA GLY A 18 15.31 -6.36 -7.86
C GLY A 18 16.01 -5.89 -9.10
N LEU A 19 15.28 -5.77 -10.20
CA LEU A 19 15.90 -5.26 -11.44
C LEU A 19 16.31 -3.83 -11.23
N SER A 20 15.46 -3.02 -10.60
CA SER A 20 15.86 -1.61 -10.41
C SER A 20 17.15 -1.52 -9.59
N CYS A 21 17.34 -2.47 -8.67
CA CYS A 21 18.55 -2.48 -7.85
C CYS A 21 19.76 -2.90 -8.66
N VAL A 22 19.58 -3.93 -9.49
CA VAL A 22 20.64 -4.42 -10.38
C VAL A 22 21.13 -3.30 -11.29
N ASP A 23 20.19 -2.62 -11.97
CA ASP A 23 20.56 -1.52 -12.86
C ASP A 23 21.30 -0.46 -12.08
N PHE A 24 20.86 -0.22 -10.84
CA PHE A 24 21.51 0.77 -9.95
C PHE A 24 23.02 0.48 -9.83
N PHE A 25 23.37 -0.75 -9.50
CA PHE A 25 24.78 -1.12 -9.38
C PHE A 25 25.54 -1.23 -10.68
N LEU A 26 24.94 -1.84 -11.70
CA LEU A 26 25.66 -1.95 -12.97
C LEU A 26 26.11 -0.56 -13.43
N ALA A 27 25.18 0.39 -13.52
CA ALA A 27 25.46 1.76 -13.95
C ALA A 27 26.57 2.40 -13.15
N ARG A 28 26.81 1.90 -11.94
CA ARG A 28 27.82 2.45 -11.04
C ARG A 28 29.08 1.62 -11.07
N GLY A 29 29.17 0.79 -12.09
CA GLY A 29 30.31 -0.09 -12.28
C GLY A 29 30.48 -1.19 -11.25
N VAL A 30 29.38 -1.75 -10.76
CA VAL A 30 29.47 -2.86 -9.78
C VAL A 30 28.56 -3.97 -10.29
N THR A 31 29.07 -5.18 -10.37
CA THR A 31 28.22 -6.31 -10.83
C THR A 31 27.79 -7.14 -9.65
N PRO A 32 26.51 -7.03 -9.29
CA PRO A 32 25.99 -7.77 -8.15
C PRO A 32 25.59 -9.18 -8.52
N ARG A 33 25.31 -9.98 -7.50
CA ARG A 33 24.74 -11.29 -7.71
C ARG A 33 23.36 -11.23 -7.13
N VAL A 34 22.42 -11.89 -7.78
CA VAL A 34 21.06 -11.90 -7.31
C VAL A 34 20.58 -13.30 -6.99
N MET A 35 19.80 -13.38 -5.90
CA MET A 35 19.19 -14.63 -5.48
C MET A 35 17.74 -14.38 -5.14
N ASP A 36 16.90 -15.38 -5.37
CA ASP A 36 15.48 -15.28 -5.13
C ASP A 36 15.07 -16.66 -4.68
N THR A 37 14.27 -16.72 -3.63
CA THR A 37 13.82 -18.02 -3.12
C THR A 37 12.86 -18.74 -4.07
N ARG A 38 12.31 -18.01 -5.02
CA ARG A 38 11.40 -18.57 -6.02
C ARG A 38 12.23 -19.17 -7.17
N MET A 39 11.76 -20.31 -7.70
CA MET A 39 12.49 -20.95 -8.80
C MET A 39 12.58 -20.02 -10.00
N THR A 40 11.47 -19.37 -10.35
CA THR A 40 11.49 -18.44 -11.46
C THR A 40 10.84 -17.14 -11.04
N PRO A 41 11.64 -16.23 -10.49
CA PRO A 41 11.12 -14.94 -10.04
C PRO A 41 10.81 -14.08 -11.26
N PRO A 42 9.87 -13.13 -11.13
CA PRO A 42 9.56 -12.25 -12.26
C PRO A 42 10.75 -11.39 -12.64
N GLY A 43 10.97 -11.24 -13.93
CA GLY A 43 12.08 -10.44 -14.42
C GLY A 43 13.29 -11.29 -14.74
N LEU A 44 13.25 -12.56 -14.35
CA LEU A 44 14.39 -13.47 -14.54
C LEU A 44 14.95 -13.35 -15.95
N ASP A 45 14.06 -13.27 -16.94
CA ASP A 45 14.45 -13.18 -18.34
C ASP A 45 14.93 -11.79 -18.72
N LYS A 46 14.65 -10.81 -17.87
CA LYS A 46 15.07 -9.43 -18.15
C LYS A 46 16.40 -9.10 -17.47
N LEU A 47 16.94 -10.09 -16.76
CA LEU A 47 18.20 -9.98 -16.00
C LEU A 47 19.40 -10.24 -16.89
N PRO A 48 20.39 -9.33 -16.91
CA PRO A 48 21.60 -9.46 -17.74
C PRO A 48 22.36 -10.73 -17.46
N GLU A 49 22.80 -11.38 -18.52
CA GLU A 49 23.50 -12.67 -18.44
C GLU A 49 24.79 -12.55 -17.64
N ALA A 50 25.43 -11.38 -17.69
CA ALA A 50 26.68 -11.18 -16.95
C ALA A 50 26.44 -11.16 -15.43
N VAL A 51 25.17 -11.14 -15.03
CA VAL A 51 24.79 -11.15 -13.62
C VAL A 51 24.49 -12.58 -13.16
N GLU A 52 25.26 -13.05 -12.19
CA GLU A 52 25.06 -14.41 -11.66
C GLU A 52 23.79 -14.42 -10.84
N ARG A 53 23.04 -15.51 -10.91
CA ARG A 53 21.79 -15.59 -10.20
C ARG A 53 21.65 -16.97 -9.56
N HIS A 54 20.93 -17.04 -8.44
CA HIS A 54 20.73 -18.28 -7.73
C HIS A 54 19.28 -18.28 -7.34
N THR A 55 18.49 -19.13 -7.97
CA THR A 55 17.06 -19.13 -7.65
C THR A 55 16.58 -20.41 -6.98
N GLY A 56 15.37 -20.38 -6.45
CA GLY A 56 14.82 -21.56 -5.79
C GLY A 56 15.18 -21.67 -4.32
N SER A 57 15.99 -20.75 -3.85
CA SER A 57 16.38 -20.75 -2.45
C SER A 57 17.44 -19.66 -2.23
N LEU A 58 17.82 -19.44 -0.98
CA LEU A 58 18.89 -18.48 -0.70
C LEU A 58 20.23 -19.21 -0.73
N ASN A 59 21.29 -18.50 -1.04
CA ASN A 59 22.65 -19.08 -1.10
C ASN A 59 23.50 -18.51 0.04
N ASP A 60 23.69 -19.31 1.09
CA ASP A 60 24.44 -18.82 2.23
C ASP A 60 25.90 -18.55 1.93
N GLU A 61 26.46 -19.21 0.92
CA GLU A 61 27.86 -18.98 0.54
C GLU A 61 27.98 -17.62 -0.05
N TRP A 62 26.95 -17.21 -0.82
CA TRP A 62 26.93 -15.87 -1.41
C TRP A 62 26.66 -14.80 -0.33
N LEU A 63 25.77 -15.12 0.60
CA LEU A 63 25.34 -14.19 1.62
C LEU A 63 26.46 -13.84 2.58
N MET A 64 27.17 -14.87 3.04
CA MET A 64 28.23 -14.72 4.03
C MET A 64 29.49 -14.16 3.45
N ALA A 65 29.58 -14.11 2.14
CA ALA A 65 30.76 -13.58 1.45
C ALA A 65 30.58 -12.12 1.06
N ALA A 66 29.36 -11.61 1.15
CA ALA A 66 29.01 -10.26 0.70
C ALA A 66 29.47 -9.15 1.61
N ASP A 67 29.69 -7.96 1.02
CA ASP A 67 30.01 -6.75 1.80
C ASP A 67 28.73 -6.00 2.04
N LEU A 68 27.76 -6.24 1.15
CA LEU A 68 26.48 -5.58 1.17
C LEU A 68 25.38 -6.47 0.63
N ILE A 69 24.35 -6.67 1.46
CA ILE A 69 23.20 -7.43 1.05
C ILE A 69 22.01 -6.49 0.86
N VAL A 70 21.46 -6.45 -0.33
CA VAL A 70 20.27 -5.61 -0.58
C VAL A 70 19.05 -6.52 -0.59
N ALA A 71 18.24 -6.43 0.45
CA ALA A 71 17.09 -7.31 0.65
C ALA A 71 15.79 -6.70 0.21
N SER A 72 15.01 -7.48 -0.54
CA SER A 72 13.71 -7.07 -0.97
C SER A 72 12.82 -6.96 0.26
N PRO A 73 11.80 -6.08 0.22
CA PRO A 73 10.92 -6.00 1.38
C PRO A 73 10.23 -7.37 1.62
N GLY A 74 10.14 -8.15 0.54
CA GLY A 74 9.44 -9.44 0.56
C GLY A 74 10.11 -10.55 1.33
N ILE A 75 11.33 -10.33 1.83
CA ILE A 75 12.01 -11.33 2.64
C ILE A 75 12.24 -10.73 4.01
N ALA A 76 11.98 -11.51 5.05
CA ALA A 76 12.08 -11.02 6.40
C ALA A 76 13.52 -11.01 6.92
N LEU A 77 13.90 -9.92 7.56
CA LEU A 77 15.20 -9.86 8.17
C LEU A 77 15.32 -10.96 9.21
N ALA A 78 14.20 -11.41 9.75
CA ALA A 78 14.21 -12.50 10.69
C ALA A 78 14.57 -13.83 10.08
N HIS A 79 14.69 -13.87 8.76
CA HIS A 79 15.04 -15.11 8.12
C HIS A 79 16.43 -15.51 8.61
N PRO A 80 16.58 -16.77 9.09
CA PRO A 80 17.88 -17.26 9.60
C PRO A 80 19.09 -16.91 8.74
N SER A 81 18.97 -17.02 7.42
CA SER A 81 20.09 -16.65 6.54
C SER A 81 20.46 -15.19 6.67
N LEU A 82 19.46 -14.30 6.71
CA LEU A 82 19.74 -12.88 6.85
C LEU A 82 20.14 -12.62 8.27
N SER A 83 19.48 -13.33 9.17
CA SER A 83 19.83 -13.22 10.58
C SER A 83 21.32 -13.57 10.86
N ALA A 84 21.81 -14.66 10.27
CA ALA A 84 23.21 -15.07 10.45
C ALA A 84 24.14 -14.02 9.90
N ALA A 85 23.76 -13.40 8.78
CA ALA A 85 24.60 -12.40 8.15
C ALA A 85 24.65 -11.11 8.97
N ALA A 86 23.52 -10.75 9.58
CA ALA A 86 23.46 -9.55 10.42
C ALA A 86 24.38 -9.79 11.59
N ASP A 87 24.29 -10.97 12.19
CA ASP A 87 25.25 -11.33 13.27
C ASP A 87 26.72 -11.21 12.83
N ALA A 88 27.00 -11.57 11.59
CA ALA A 88 28.36 -11.56 11.11
C ALA A 88 28.83 -10.13 10.87
N GLY A 89 27.90 -9.17 11.02
CA GLY A 89 28.24 -7.75 10.84
C GLY A 89 28.16 -7.31 9.39
N ILE A 90 27.53 -8.12 8.52
CA ILE A 90 27.40 -7.75 7.09
C ILE A 90 26.25 -6.76 6.99
N GLU A 91 26.53 -5.61 6.34
CA GLU A 91 25.54 -4.57 6.16
C GLU A 91 24.35 -5.00 5.25
N ILE A 92 23.14 -4.82 5.75
CA ILE A 92 21.94 -5.19 4.98
C ILE A 92 21.05 -3.98 4.75
N VAL A 93 20.65 -3.74 3.50
CA VAL A 93 19.76 -2.60 3.17
C VAL A 93 18.67 -2.97 2.16
N GLY A 94 17.77 -2.00 1.88
CA GLY A 94 16.75 -2.18 0.86
C GLY A 94 16.96 -1.21 -0.26
N ASP A 95 16.11 -1.26 -1.28
CA ASP A 95 16.18 -0.29 -2.39
C ASP A 95 15.93 1.15 -1.89
N ILE A 96 15.07 1.30 -0.90
CA ILE A 96 14.72 2.61 -0.35
C ILE A 96 15.90 3.25 0.32
N GLU A 97 16.72 2.41 0.95
CA GLU A 97 17.96 2.90 1.57
C GLU A 97 18.93 3.37 0.50
N LEU A 98 19.10 2.57 -0.53
CA LEU A 98 19.96 2.98 -1.61
C LEU A 98 19.46 4.34 -2.15
N PHE A 99 18.16 4.44 -2.41
CA PHE A 99 17.59 5.67 -2.92
C PHE A 99 17.87 6.88 -2.02
N CYS A 100 17.62 6.73 -0.72
CA CYS A 100 17.85 7.82 0.22
C CYS A 100 19.28 8.32 0.21
N ARG A 101 20.24 7.42 0.04
CA ARG A 101 21.63 7.81 0.02
C ARG A 101 21.99 8.63 -1.21
N GLU A 102 21.11 8.66 -2.20
CA GLU A 102 21.44 9.32 -3.45
C GLU A 102 20.59 10.54 -3.71
N ALA A 103 19.32 10.48 -3.30
CA ALA A 103 18.33 11.52 -3.62
C ALA A 103 18.90 12.90 -3.38
N GLN A 104 18.70 13.78 -4.37
CA GLN A 104 19.12 15.18 -4.27
C GLN A 104 17.92 16.12 -4.26
N ALA A 105 16.82 15.67 -3.69
CA ALA A 105 15.59 16.48 -3.57
C ALA A 105 14.86 16.06 -2.26
N PRO A 106 14.04 16.94 -1.71
CA PRO A 106 13.30 16.62 -0.50
C PRO A 106 12.39 15.42 -0.72
N ILE A 107 12.16 14.63 0.31
CA ILE A 107 11.32 13.43 0.20
C ILE A 107 10.11 13.48 1.13
N VAL A 108 8.91 13.27 0.58
CA VAL A 108 7.70 13.20 1.40
C VAL A 108 7.49 11.69 1.51
N ALA A 109 7.51 11.19 2.74
CA ALA A 109 7.41 9.75 2.98
C ALA A 109 6.07 9.43 3.65
N ILE A 110 5.34 8.51 3.04
CA ILE A 110 4.04 8.11 3.55
C ILE A 110 3.87 6.64 3.77
N THR A 111 3.38 6.30 4.94
CA THR A 111 3.11 4.90 5.24
C THR A 111 1.82 4.80 6.02
N GLY A 112 1.37 3.57 6.27
CA GLY A 112 0.13 3.38 6.99
C GLY A 112 -0.53 2.09 6.57
N SER A 113 -1.40 1.57 7.44
CA SER A 113 -2.13 0.33 7.08
C SER A 113 -3.11 0.52 5.94
N ASN A 114 -3.63 1.74 5.83
CA ASN A 114 -4.62 2.02 4.78
C ASN A 114 -4.55 3.49 4.32
N GLY A 115 -4.74 3.71 3.01
CA GLY A 115 -4.76 5.06 2.45
C GLY A 115 -3.45 5.63 1.95
N LYS A 116 -2.35 4.88 2.11
CA LYS A 116 -1.05 5.41 1.71
C LYS A 116 -0.88 5.70 0.20
N SER A 117 -1.42 4.82 -0.67
CA SER A 117 -1.30 5.05 -2.10
C SER A 117 -2.11 6.28 -2.51
N THR A 118 -3.32 6.41 -1.95
CA THR A 118 -4.20 7.58 -2.24
C THR A 118 -3.49 8.87 -1.83
N VAL A 119 -3.04 8.93 -0.58
CA VAL A 119 -2.33 10.12 -0.09
C VAL A 119 -1.05 10.38 -0.85
N THR A 120 -0.28 9.33 -1.12
CA THR A 120 0.97 9.47 -1.89
C THR A 120 0.67 10.00 -3.30
N THR A 121 -0.41 9.54 -3.88
CA THR A 121 -0.77 9.99 -5.23
C THR A 121 -1.26 11.43 -5.20
N LEU A 122 -1.94 11.80 -4.12
CA LEU A 122 -2.48 13.16 -3.98
C LEU A 122 -1.35 14.14 -3.83
N VAL A 123 -0.35 13.82 -3.02
CA VAL A 123 0.78 14.73 -2.85
C VAL A 123 1.50 14.87 -4.18
N GLY A 124 1.56 13.78 -4.95
CA GLY A 124 2.17 13.83 -6.28
C GLY A 124 1.40 14.78 -7.14
N GLU A 125 0.08 14.67 -7.06
CA GLU A 125 -0.81 15.51 -7.82
C GLU A 125 -0.72 17.00 -7.41
N MET A 126 -0.51 17.22 -6.14
CA MET A 126 -0.42 18.56 -5.64
C MET A 126 0.86 19.23 -6.12
N ALA A 127 1.94 18.46 -6.31
CA ALA A 127 3.20 19.02 -6.79
C ALA A 127 3.12 19.32 -8.28
N LYS A 128 2.48 18.43 -9.04
CA LYS A 128 2.26 18.67 -10.48
C LYS A 128 1.46 19.95 -10.75
N ALA A 129 0.46 20.23 -9.92
CA ALA A 129 -0.34 21.43 -10.10
C ALA A 129 0.49 22.62 -9.71
N ALA A 130 1.54 22.43 -8.91
CA ALA A 130 2.40 23.55 -8.53
C ALA A 130 3.49 23.78 -9.58
N GLY A 131 3.55 22.90 -10.57
CA GLY A 131 4.57 22.99 -11.60
C GLY A 131 5.91 22.44 -11.09
N VAL A 132 5.87 21.61 -10.04
CA VAL A 132 7.07 20.99 -9.50
C VAL A 132 7.35 19.68 -10.21
N ASN A 133 8.58 19.49 -10.69
CA ASN A 133 8.97 18.23 -11.28
C ASN A 133 9.01 17.25 -10.10
N VAL A 134 8.08 16.28 -10.06
CA VAL A 134 7.96 15.41 -8.91
C VAL A 134 8.04 13.93 -9.25
N GLY A 135 8.81 13.18 -8.46
CA GLY A 135 8.87 11.73 -8.66
C GLY A 135 7.99 11.02 -7.63
N VAL A 136 6.95 10.34 -8.14
CA VAL A 136 6.00 9.64 -7.32
C VAL A 136 6.18 8.12 -7.51
N GLY A 137 6.41 7.41 -6.42
CA GLY A 137 6.53 5.99 -6.54
C GLY A 137 6.87 5.35 -5.21
N GLY A 138 7.69 4.31 -5.29
CA GLY A 138 8.05 3.58 -4.10
C GLY A 138 7.33 2.25 -4.03
N ASN A 139 6.59 2.06 -2.94
CA ASN A 139 5.82 0.86 -2.76
C ASN A 139 4.71 0.74 -3.82
N ILE A 140 4.52 1.81 -4.59
CA ILE A 140 3.53 1.81 -5.71
C ILE A 140 4.15 2.48 -6.89
N GLY A 141 3.55 2.31 -8.07
CA GLY A 141 4.13 2.93 -9.25
C GLY A 141 5.54 2.40 -9.44
N LEU A 142 6.45 3.27 -9.87
CA LEU A 142 7.83 2.88 -10.07
C LEU A 142 8.63 2.68 -8.80
N PRO A 143 9.48 1.65 -8.78
CA PRO A 143 10.41 1.43 -7.66
C PRO A 143 11.27 2.66 -7.51
N ALA A 144 11.39 3.17 -6.28
CA ALA A 144 12.19 4.35 -5.97
C ALA A 144 13.47 4.60 -6.81
N LEU A 145 14.30 3.56 -7.01
CA LEU A 145 15.53 3.72 -7.76
C LEU A 145 15.30 4.18 -9.19
N MET A 146 14.12 3.87 -9.72
CA MET A 146 13.78 4.32 -11.07
C MET A 146 13.34 5.77 -11.15
N LEU A 147 13.11 6.39 -10.00
CA LEU A 147 12.66 7.77 -9.99
C LEU A 147 13.84 8.73 -9.92
N LEU A 148 14.99 8.24 -9.45
CA LEU A 148 16.21 9.03 -9.34
C LEU A 148 16.61 9.85 -10.59
N ASP A 149 16.48 11.17 -10.48
CA ASP A 149 16.86 12.08 -11.57
C ASP A 149 17.22 13.38 -10.88
N ASP A 150 18.39 13.93 -11.17
CA ASP A 150 18.82 15.15 -10.47
C ASP A 150 18.05 16.40 -10.90
N GLU A 151 17.24 16.24 -11.93
CA GLU A 151 16.37 17.31 -12.37
C GLU A 151 15.06 17.29 -11.58
N CYS A 152 14.85 16.20 -10.85
CA CYS A 152 13.69 16.05 -10.01
C CYS A 152 13.77 17.02 -8.82
N GLU A 153 12.65 17.65 -8.46
CA GLU A 153 12.68 18.67 -7.44
C GLU A 153 11.97 18.20 -6.19
N LEU A 154 11.21 17.11 -6.33
CA LEU A 154 10.50 16.56 -5.21
C LEU A 154 10.19 15.10 -5.44
N TYR A 155 10.34 14.31 -4.39
CA TYR A 155 10.01 12.92 -4.46
C TYR A 155 8.87 12.67 -3.48
N VAL A 156 7.90 11.88 -3.90
CA VAL A 156 6.83 11.46 -3.03
C VAL A 156 6.85 9.93 -3.06
N LEU A 157 7.14 9.32 -1.93
CA LEU A 157 7.24 7.89 -1.86
C LEU A 157 6.28 7.22 -0.88
N GLU A 158 5.64 6.15 -1.34
CA GLU A 158 4.86 5.35 -0.42
C GLU A 158 5.85 4.34 0.10
N LEU A 159 5.85 4.09 1.41
CA LEU A 159 6.76 3.13 2.03
C LEU A 159 5.99 2.14 2.88
N SER A 160 6.22 0.86 2.68
CA SER A 160 5.60 -0.15 3.53
C SER A 160 6.45 -0.30 4.78
N SER A 161 5.88 -0.99 5.76
CA SER A 161 6.58 -1.30 7.01
C SER A 161 7.85 -2.12 6.69
N PHE A 162 7.76 -3.02 5.69
CA PHE A 162 8.88 -3.87 5.29
C PHE A 162 10.01 -3.01 4.77
N GLN A 163 9.69 -2.09 3.86
CA GLN A 163 10.72 -1.22 3.30
C GLN A 163 11.36 -0.39 4.40
N LEU A 164 10.53 0.17 5.28
CA LEU A 164 11.06 1.00 6.37
C LEU A 164 12.07 0.22 7.24
N GLU A 165 11.81 -1.07 7.43
CA GLU A 165 12.64 -1.94 8.26
C GLU A 165 14.10 -1.99 7.82
N THR A 166 14.37 -1.79 6.53
CA THR A 166 15.75 -1.80 6.06
C THR A 166 16.26 -0.40 5.70
N THR A 167 15.52 0.63 6.08
CA THR A 167 15.92 2.00 5.78
C THR A 167 16.38 2.71 7.05
N SER A 168 17.44 3.50 6.92
CA SER A 168 17.98 4.24 8.04
C SER A 168 18.46 5.62 7.72
N SER A 169 18.67 5.89 6.44
CA SER A 169 19.14 7.21 6.01
C SER A 169 18.07 8.18 5.53
N LEU A 170 16.80 7.85 5.74
CA LEU A 170 15.72 8.75 5.32
C LEU A 170 15.54 9.91 6.30
N GLN A 171 15.59 11.11 5.75
CA GLN A 171 15.38 12.32 6.51
C GLN A 171 14.27 13.06 5.73
N ALA A 172 13.05 12.56 5.82
CA ALA A 172 11.90 13.15 5.10
C ALA A 172 11.64 14.61 5.49
N VAL A 173 11.31 15.43 4.51
CA VAL A 173 10.93 16.81 4.82
C VAL A 173 9.56 16.74 5.51
N ALA A 174 8.77 15.74 5.11
CA ALA A 174 7.47 15.50 5.73
C ALA A 174 7.21 14.01 5.66
N ALA A 175 6.76 13.45 6.79
CA ALA A 175 6.50 12.02 6.88
C ALA A 175 5.23 11.76 7.69
N THR A 176 4.57 10.64 7.40
CA THR A 176 3.36 10.26 8.10
C THR A 176 3.12 8.77 8.19
N ILE A 177 2.37 8.41 9.22
CA ILE A 177 1.82 7.07 9.39
C ILE A 177 0.35 7.41 9.49
N LEU A 178 -0.43 7.05 8.49
CA LEU A 178 -1.84 7.45 8.44
C LEU A 178 -2.70 6.72 9.50
N ASN A 179 -2.29 5.50 9.81
CA ASN A 179 -3.03 4.64 10.72
C ASN A 179 -2.31 3.33 10.87
N VAL A 180 -2.63 2.64 11.97
CA VAL A 180 -2.07 1.33 12.22
C VAL A 180 -3.14 0.35 12.62
N THR A 181 -3.48 -0.54 11.69
CA THR A 181 -4.42 -1.59 11.97
C THR A 181 -3.81 -2.93 11.55
N GLU A 182 -4.21 -4.00 12.22
CA GLU A 182 -3.62 -5.29 11.99
C GLU A 182 -3.42 -5.65 10.52
N ASP A 183 -2.18 -5.99 10.16
CA ASP A 183 -1.85 -6.40 8.81
C ASP A 183 -0.45 -7.02 8.84
N HIS A 184 -0.12 -7.84 7.84
CA HIS A 184 1.22 -8.39 7.73
C HIS A 184 1.65 -9.19 8.96
N MET A 185 0.70 -9.68 9.77
CA MET A 185 1.07 -10.42 10.98
C MET A 185 1.93 -11.64 10.70
N ASP A 186 1.87 -12.16 9.45
CA ASP A 186 2.69 -13.28 9.02
C ASP A 186 4.19 -12.92 9.05
N ARG A 187 4.46 -11.62 8.96
CA ARG A 187 5.81 -11.10 8.96
C ARG A 187 6.21 -10.47 10.30
N TYR A 188 5.24 -10.33 11.22
CA TYR A 188 5.49 -9.75 12.56
C TYR A 188 5.02 -10.68 13.68
N PRO A 189 5.89 -11.61 14.08
CA PRO A 189 5.62 -12.58 15.14
C PRO A 189 5.51 -11.98 16.54
N PHE A 190 5.89 -10.70 16.69
CA PHE A 190 5.75 -9.98 17.95
C PHE A 190 4.54 -9.03 17.97
N GLY A 191 3.53 -9.39 17.18
CA GLY A 191 2.27 -8.67 17.21
C GLY A 191 2.18 -7.28 16.59
N LEU A 192 1.12 -6.59 16.97
CA LEU A 192 0.81 -5.27 16.47
C LEU A 192 1.90 -4.25 16.79
N GLN A 193 2.43 -4.31 18.02
CA GLN A 193 3.47 -3.36 18.43
C GLN A 193 4.77 -3.44 17.63
N GLN A 194 5.09 -4.62 17.14
CA GLN A 194 6.29 -4.79 16.37
C GLN A 194 6.03 -4.19 14.99
N TYR A 195 4.88 -4.54 14.44
CA TYR A 195 4.44 -4.00 13.17
C TYR A 195 4.47 -2.46 13.21
N ARG A 196 3.93 -1.91 14.28
CA ARG A 196 3.92 -0.47 14.47
C ARG A 196 5.34 0.03 14.53
N ALA A 197 6.16 -0.67 15.28
CA ALA A 197 7.55 -0.25 15.47
C ALA A 197 8.22 -0.01 14.12
N ALA A 198 7.95 -0.88 13.15
CA ALA A 198 8.48 -0.69 11.82
C ALA A 198 8.02 0.61 11.18
N KCX A 199 6.71 0.85 11.15
CA KCX A 199 6.18 2.09 10.64
CB KCX A 199 4.65 2.10 10.68
CG KCX A 199 4.01 1.10 9.76
CD KCX A 199 2.62 1.55 9.37
CE KCX A 199 1.91 0.51 8.53
NZ KCX A 199 2.58 0.39 7.20
C KCX A 199 6.73 3.35 11.32
O KCX A 199 6.88 4.38 10.68
CX KCX A 199 2.31 -0.57 6.33
OQ1 KCX A 199 2.90 -0.60 5.26
OQ2 KCX A 199 1.44 -1.40 6.61
N LEU A 200 7.03 3.25 12.62
CA LEU A 200 7.50 4.46 13.36
C LEU A 200 8.88 4.94 12.92
N ARG A 201 9.68 4.01 12.40
CA ARG A 201 10.96 4.33 11.79
C ARG A 201 10.89 5.46 10.76
N ILE A 202 9.71 5.68 10.15
CA ILE A 202 9.54 6.70 9.13
C ILE A 202 9.67 8.11 9.67
N TYR A 203 9.46 8.28 10.96
CA TYR A 203 9.50 9.59 11.59
C TYR A 203 10.95 10.00 11.95
N GLU A 204 11.84 9.02 12.12
CA GLU A 204 13.23 9.28 12.50
C GLU A 204 13.93 10.23 11.54
N ASN A 205 14.36 11.37 12.06
CA ASN A 205 15.02 12.39 11.24
C ASN A 205 14.09 13.13 10.32
N ALA A 206 12.78 12.95 10.48
CA ALA A 206 11.84 13.65 9.64
C ALA A 206 11.74 15.10 10.12
N LYS A 207 11.78 16.01 9.16
CA LYS A 207 11.66 17.44 9.46
C LYS A 207 10.32 17.82 10.08
N VAL A 208 9.26 17.19 9.58
CA VAL A 208 7.89 17.32 10.09
C VAL A 208 7.24 15.96 10.10
N CYS A 209 6.60 15.63 11.20
CA CYS A 209 5.85 14.41 11.35
C CYS A 209 4.36 14.73 11.32
N VAL A 210 3.59 13.97 10.52
CA VAL A 210 2.15 14.18 10.43
C VAL A 210 1.45 12.99 11.07
N VAL A 211 0.74 13.22 12.16
CA VAL A 211 0.12 12.11 12.86
C VAL A 211 -1.37 12.18 12.73
N ASN A 212 -1.99 11.06 13.08
CA ASN A 212 -3.43 10.91 13.01
C ASN A 212 -3.93 11.02 14.43
N ALA A 213 -4.67 12.10 14.70
CA ALA A 213 -5.19 12.38 16.04
C ALA A 213 -6.25 11.36 16.46
N ASP A 214 -6.76 10.59 15.52
CA ASP A 214 -7.75 9.59 15.87
C ASP A 214 -7.14 8.21 16.06
N ASP A 215 -5.81 8.12 15.92
CA ASP A 215 -5.10 6.85 16.06
C ASP A 215 -3.78 7.02 16.78
N ALA A 216 -3.81 6.72 18.08
CA ALA A 216 -2.66 6.87 18.96
C ALA A 216 -1.41 6.10 18.52
N LEU A 217 -1.60 5.03 17.76
CA LEU A 217 -0.49 4.20 17.29
C LEU A 217 0.38 4.90 16.26
N THR A 218 -0.18 5.91 15.59
CA THR A 218 0.54 6.68 14.58
C THR A 218 1.48 7.74 15.19
N MET A 219 1.42 7.91 16.50
CA MET A 219 2.29 8.86 17.19
C MET A 219 3.60 8.26 17.69
N PRO A 220 4.70 9.02 17.58
CA PRO A 220 6.00 8.54 18.05
C PRO A 220 6.02 7.97 19.48
N ARG A 227 7.06 18.32 18.47
CA ARG A 227 5.69 17.88 18.16
C ARG A 227 5.46 17.61 16.68
N CYS A 228 4.38 16.89 16.41
CA CYS A 228 4.01 16.53 15.07
C CYS A 228 2.78 17.32 14.69
N VAL A 229 2.64 17.63 13.42
CA VAL A 229 1.38 18.20 12.95
C VAL A 229 0.36 17.07 12.87
N SER A 230 -0.86 17.36 13.25
CA SER A 230 -1.87 16.32 13.23
C SER A 230 -3.05 16.61 12.35
N PHE A 231 -3.74 15.54 11.96
CA PHE A 231 -4.96 15.62 11.21
C PHE A 231 -5.99 14.70 11.87
N GLY A 232 -7.27 15.03 11.72
CA GLY A 232 -8.31 14.18 12.29
C GLY A 232 -9.67 14.61 11.84
N VAL A 233 -10.68 13.90 12.30
CA VAL A 233 -12.07 14.13 11.94
C VAL A 233 -12.63 15.34 12.68
N ASN A 234 -12.65 15.27 14.01
CA ASN A 234 -13.19 16.36 14.85
C ASN A 234 -12.13 17.14 15.57
N MET A 235 -10.88 16.74 15.41
CA MET A 235 -9.79 17.34 16.13
C MET A 235 -8.50 17.21 15.33
N GLY A 236 -7.50 18.01 15.67
CA GLY A 236 -6.26 17.99 14.92
C GLY A 236 -6.01 19.30 14.19
N ASP A 237 -4.75 19.60 13.94
CA ASP A 237 -4.38 20.80 13.22
C ASP A 237 -5.14 20.86 11.91
N TYR A 238 -5.31 19.69 11.28
CA TYR A 238 -6.08 19.57 10.03
C TYR A 238 -7.29 18.74 10.37
N HIS A 239 -8.48 19.32 10.26
CA HIS A 239 -9.68 18.60 10.66
C HIS A 239 -10.87 18.90 9.77
N LEU A 240 -11.94 18.13 9.98
CA LEU A 240 -13.17 18.26 9.24
C LEU A 240 -14.16 19.16 9.94
N ASN A 241 -15.13 19.65 9.19
CA ASN A 241 -16.23 20.49 9.71
C ASN A 241 -17.52 20.12 8.99
N HIS A 242 -18.60 19.97 9.75
CA HIS A 242 -19.93 19.71 9.16
C HIS A 242 -20.92 20.86 9.45
N GLU A 246 -23.22 18.73 4.85
CA GLU A 246 -22.08 19.36 4.21
C GLU A 246 -20.74 19.26 5.01
N THR A 247 -19.66 18.95 4.32
CA THR A 247 -18.37 18.78 4.98
C THR A 247 -17.26 19.69 4.44
N TRP A 248 -16.50 20.26 5.36
CA TRP A 248 -15.38 21.14 5.02
C TRP A 248 -14.04 20.66 5.58
N LEU A 249 -12.98 20.85 4.81
CA LEU A 249 -11.63 20.59 5.29
C LEU A 249 -11.13 21.86 5.94
N ARG A 250 -10.78 21.80 7.23
CA ARG A 250 -10.27 22.98 7.94
C ARG A 250 -8.83 22.85 8.42
N VAL A 251 -8.11 23.97 8.42
CA VAL A 251 -6.76 24.03 8.91
C VAL A 251 -6.72 25.08 9.99
N LYS A 252 -6.50 24.62 11.22
CA LYS A 252 -6.45 25.51 12.38
C LYS A 252 -7.65 26.47 12.44
N GLY A 253 -8.87 25.96 12.27
CA GLY A 253 -10.01 26.84 12.38
C GLY A 253 -10.50 27.46 11.08
N GLU A 254 -9.59 27.63 10.11
CA GLU A 254 -9.89 28.20 8.79
C GLU A 254 -10.39 27.21 7.72
N LYS A 255 -11.49 27.52 7.05
CA LYS A 255 -11.96 26.63 5.99
C LYS A 255 -11.03 26.73 4.79
N VAL A 256 -10.75 25.61 4.17
CA VAL A 256 -9.92 25.63 3.01
C VAL A 256 -10.61 24.91 1.87
N LEU A 257 -11.55 24.00 2.17
CA LEU A 257 -12.23 23.32 1.07
C LEU A 257 -13.53 22.61 1.42
N ASN A 258 -14.59 22.97 0.72
CA ASN A 258 -15.85 22.26 0.80
C ASN A 258 -15.69 20.98 0.00
N VAL A 259 -15.75 19.84 0.69
CA VAL A 259 -15.49 18.57 0.04
C VAL A 259 -16.38 18.24 -1.18
N LYS A 260 -17.47 18.97 -1.36
CA LYS A 260 -18.31 18.73 -2.51
C LYS A 260 -17.52 19.06 -3.79
N GLU A 261 -16.40 19.76 -3.66
CA GLU A 261 -15.62 20.09 -4.85
C GLU A 261 -14.69 18.92 -5.15
N MET A 262 -14.65 17.92 -4.27
CA MET A 262 -13.79 16.75 -4.49
C MET A 262 -14.47 15.66 -5.30
N LYS A 263 -13.74 15.00 -6.19
CA LYS A 263 -14.35 13.87 -6.88
C LYS A 263 -14.42 12.64 -5.97
N LEU A 264 -13.63 12.62 -4.90
CA LEU A 264 -13.61 11.49 -3.97
C LEU A 264 -14.59 11.74 -2.81
N SER A 265 -15.22 10.69 -2.31
CA SER A 265 -16.11 10.84 -1.15
C SER A 265 -15.76 9.86 -0.04
N GLY A 266 -16.42 10.01 1.10
CA GLY A 266 -16.13 9.15 2.23
C GLY A 266 -15.24 9.84 3.25
N GLN A 267 -15.62 9.75 4.50
CA GLN A 267 -14.84 10.33 5.58
C GLN A 267 -13.37 9.99 5.55
N HIS A 268 -13.02 8.73 5.30
CA HIS A 268 -11.62 8.32 5.34
C HIS A 268 -10.84 8.95 4.15
N ASN A 269 -11.53 9.18 3.03
CA ASN A 269 -10.93 9.89 1.89
C ASN A 269 -10.78 11.40 2.18
N TYR A 270 -11.61 11.91 3.08
CA TYR A 270 -11.52 13.29 3.52
C TYR A 270 -10.37 13.41 4.48
N THR A 271 -10.19 12.42 5.35
CA THR A 271 -9.06 12.48 6.27
C THR A 271 -7.78 12.33 5.43
N ASN A 272 -7.86 11.53 4.34
CA ASN A 272 -6.75 11.38 3.41
C ASN A 272 -6.40 12.74 2.81
N ALA A 273 -7.44 13.54 2.50
CA ALA A 273 -7.24 14.84 1.87
C ALA A 273 -6.50 15.75 2.81
N LEU A 274 -6.87 15.68 4.09
CA LEU A 274 -6.23 16.48 5.15
C LEU A 274 -4.77 16.09 5.31
N ALA A 275 -4.50 14.78 5.34
CA ALA A 275 -3.13 14.27 5.48
C ALA A 275 -2.29 14.71 4.31
N ALA A 276 -2.83 14.57 3.10
CA ALA A 276 -2.07 14.98 1.91
C ALA A 276 -1.77 16.47 2.04
N LEU A 277 -2.77 17.24 2.39
CA LEU A 277 -2.60 18.67 2.54
C LEU A 277 -1.53 19.00 3.58
N ALA A 278 -1.58 18.34 4.74
CA ALA A 278 -0.63 18.61 5.80
C ALA A 278 0.79 18.33 5.29
N LEU A 279 0.90 17.25 4.55
CA LEU A 279 2.19 16.88 3.99
C LEU A 279 2.62 17.91 2.92
N ALA A 280 1.74 18.20 1.97
CA ALA A 280 2.03 19.18 0.91
C ALA A 280 2.52 20.50 1.50
N ASP A 281 1.79 21.01 2.49
CA ASP A 281 2.15 22.25 3.18
C ASP A 281 3.55 22.19 3.78
N ALA A 282 3.84 21.10 4.48
CA ALA A 282 5.15 20.97 5.13
C ALA A 282 6.25 20.98 4.08
N ALA A 283 5.94 20.46 2.88
CA ALA A 283 6.94 20.40 1.81
C ALA A 283 7.10 21.74 1.11
N GLY A 284 6.33 22.72 1.54
CA GLY A 284 6.43 24.08 0.96
C GLY A 284 5.58 24.27 -0.28
N LEU A 285 4.81 23.26 -0.67
CA LEU A 285 3.98 23.37 -1.88
C LEU A 285 2.92 24.46 -1.71
N PRO A 286 2.66 25.27 -2.76
CA PRO A 286 1.65 26.35 -2.63
C PRO A 286 0.26 25.76 -2.37
N ARG A 287 -0.39 26.21 -1.31
CA ARG A 287 -1.72 25.69 -0.92
C ARG A 287 -2.79 25.80 -2.00
N ALA A 288 -2.81 26.90 -2.75
CA ALA A 288 -3.85 27.07 -3.77
C ALA A 288 -3.86 25.91 -4.74
N SER A 289 -2.70 25.60 -5.32
CA SER A 289 -2.54 24.52 -6.25
C SER A 289 -2.72 23.14 -5.62
N SER A 290 -2.46 23.01 -4.32
CA SER A 290 -2.67 21.73 -3.65
C SER A 290 -4.16 21.41 -3.52
N LEU A 291 -4.95 22.44 -3.22
CA LEU A 291 -6.40 22.35 -3.08
C LEU A 291 -7.03 22.06 -4.44
N LYS A 292 -6.42 22.58 -5.51
CA LYS A 292 -6.94 22.37 -6.83
C LYS A 292 -6.82 20.89 -7.14
N ALA A 293 -5.67 20.31 -6.78
CA ALA A 293 -5.36 18.93 -7.05
C ALA A 293 -6.37 18.00 -6.38
N LEU A 294 -6.87 18.42 -5.22
CA LEU A 294 -7.87 17.66 -4.48
C LEU A 294 -9.21 17.63 -5.22
N THR A 295 -9.40 18.56 -6.13
CA THR A 295 -10.66 18.60 -6.90
C THR A 295 -10.55 17.86 -8.25
N THR A 296 -9.32 17.60 -8.70
CA THR A 296 -9.09 16.94 -9.97
C THR A 296 -8.81 15.43 -9.85
N PHE A 297 -8.26 14.99 -8.71
CA PHE A 297 -7.98 13.57 -8.47
C PHE A 297 -9.27 12.77 -8.52
N THR A 298 -9.28 11.68 -9.29
CA THR A 298 -10.44 10.83 -9.43
C THR A 298 -10.36 9.55 -8.62
N GLY A 299 -9.14 9.14 -8.27
CA GLY A 299 -9.01 7.92 -7.49
C GLY A 299 -8.08 6.93 -8.16
N LEU A 300 -7.77 5.84 -7.46
CA LEU A 300 -6.86 4.84 -7.94
C LEU A 300 -7.65 3.63 -8.42
N PRO A 301 -7.17 2.97 -9.46
CA PRO A 301 -7.93 1.78 -9.83
C PRO A 301 -7.85 0.73 -8.71
N HIS A 302 -8.88 -0.11 -8.58
CA HIS A 302 -8.88 -1.16 -7.57
C HIS A 302 -9.14 -0.60 -6.17
N ARG A 303 -9.27 0.73 -6.08
CA ARG A 303 -9.51 1.36 -4.79
C ARG A 303 -10.93 1.89 -4.77
N PHE A 304 -11.84 1.00 -4.40
CA PHE A 304 -13.26 1.25 -4.38
C PHE A 304 -13.66 1.84 -5.74
N GLU A 305 -13.44 1.08 -6.80
CA GLU A 305 -13.71 1.55 -8.14
C GLU A 305 -14.97 0.92 -8.75
N VAL A 306 -15.89 1.75 -9.21
CA VAL A 306 -17.08 1.26 -9.88
C VAL A 306 -16.62 0.84 -11.27
N VAL A 307 -16.69 -0.45 -11.57
CA VAL A 307 -16.25 -0.90 -12.88
C VAL A 307 -17.44 -1.12 -13.80
N LEU A 308 -18.63 -1.13 -13.22
CA LEU A 308 -19.88 -1.30 -13.98
C LEU A 308 -21.04 -0.92 -13.11
N GLU A 309 -21.93 -0.14 -13.69
CA GLU A 309 -23.13 0.29 -13.02
C GLU A 309 -24.22 0.20 -14.08
N HIS A 310 -24.86 -0.96 -14.20
CA HIS A 310 -25.86 -1.22 -15.25
C HIS A 310 -27.04 -2.06 -14.69
N ASN A 311 -28.26 -1.73 -15.10
CA ASN A 311 -29.48 -2.42 -14.63
C ASN A 311 -29.74 -2.28 -13.13
N GLY A 312 -29.40 -1.13 -12.58
CA GLY A 312 -29.65 -0.89 -11.17
C GLY A 312 -28.69 -1.60 -10.23
N VAL A 313 -27.55 -2.02 -10.76
CA VAL A 313 -26.58 -2.76 -9.98
C VAL A 313 -25.18 -2.21 -10.13
N ARG A 314 -24.56 -1.85 -9.00
CA ARG A 314 -23.19 -1.40 -9.01
C ARG A 314 -22.22 -2.55 -8.69
N TRP A 315 -21.18 -2.67 -9.51
CA TRP A 315 -20.10 -3.65 -9.29
C TRP A 315 -18.85 -2.84 -8.96
N ILE A 316 -18.45 -2.89 -7.70
CA ILE A 316 -17.29 -2.15 -7.21
C ILE A 316 -16.07 -3.03 -7.00
N ASN A 317 -14.95 -2.56 -7.52
CA ASN A 317 -13.67 -3.23 -7.45
C ASN A 317 -12.81 -2.57 -6.39
N ASP A 318 -12.76 -3.19 -5.21
CA ASP A 318 -11.96 -2.71 -4.11
C ASP A 318 -10.97 -3.81 -3.80
N SER A 319 -10.33 -4.34 -4.84
CA SER A 319 -9.30 -5.37 -4.68
C SER A 319 -8.14 -4.90 -3.82
N LYS A 320 -7.93 -3.60 -3.77
CA LYS A 320 -6.81 -3.08 -3.02
C LYS A 320 -7.06 -3.19 -1.51
N ALA A 321 -8.27 -3.59 -1.13
CA ALA A 321 -8.54 -3.83 0.28
C ALA A 321 -7.88 -5.16 0.65
N THR A 322 -6.63 -5.11 1.07
CA THR A 322 -5.89 -6.31 1.37
C THR A 322 -5.72 -6.57 2.85
N ASN A 323 -6.53 -5.90 3.67
CA ASN A 323 -6.53 -6.11 5.13
C ASN A 323 -7.90 -5.76 5.69
N VAL A 324 -8.14 -6.17 6.94
CA VAL A 324 -9.40 -5.92 7.60
C VAL A 324 -9.75 -4.42 7.71
N GLY A 325 -8.76 -3.61 8.01
CA GLY A 325 -9.02 -2.17 8.23
C GLY A 325 -9.56 -1.55 6.95
N SER A 326 -8.97 -1.95 5.83
CA SER A 326 -9.35 -1.46 4.52
C SER A 326 -10.76 -1.86 4.14
N THR A 327 -11.06 -3.15 4.19
CA THR A 327 -12.39 -3.62 3.91
C THR A 327 -13.36 -2.91 4.85
N GLU A 328 -12.94 -2.73 6.11
CA GLU A 328 -13.79 -2.04 7.08
C GLU A 328 -14.12 -0.61 6.62
N ALA A 329 -13.13 0.08 6.04
CA ALA A 329 -13.38 1.44 5.57
C ALA A 329 -14.46 1.45 4.49
N ALA A 330 -14.46 0.45 3.61
CA ALA A 330 -15.45 0.36 2.53
C ALA A 330 -16.86 0.09 3.02
N LEU A 331 -16.96 -0.64 4.13
CA LEU A 331 -18.25 -1.06 4.69
C LEU A 331 -18.82 -0.08 5.68
N ASN A 332 -17.96 0.58 6.44
CA ASN A 332 -18.44 1.54 7.44
C ASN A 332 -19.19 2.69 6.78
N GLY A 333 -20.51 2.74 7.01
CA GLY A 333 -21.34 3.77 6.43
C GLY A 333 -21.79 3.50 5.00
N LEU A 334 -21.41 2.35 4.44
CA LEU A 334 -21.77 1.97 3.09
C LEU A 334 -23.29 1.96 2.90
N HIS A 335 -23.74 2.60 1.83
CA HIS A 335 -25.17 2.63 1.56
C HIS A 335 -25.53 1.67 0.45
N VAL A 336 -26.45 0.75 0.71
CA VAL A 336 -26.85 -0.18 -0.33
C VAL A 336 -28.36 -0.21 -0.37
N ASP A 337 -28.96 -0.08 -1.54
CA ASP A 337 -30.42 -0.03 -1.62
C ASP A 337 -31.03 -1.41 -1.41
N GLY A 338 -30.40 -2.43 -2.00
CA GLY A 338 -30.90 -3.78 -1.90
C GLY A 338 -29.96 -4.66 -1.11
N THR A 339 -29.36 -5.62 -1.79
CA THR A 339 -28.48 -6.56 -1.15
C THR A 339 -27.01 -6.35 -1.50
N LEU A 340 -26.16 -6.40 -0.50
CA LEU A 340 -24.71 -6.32 -0.73
C LEU A 340 -24.16 -7.73 -0.86
N HIS A 341 -23.61 -8.03 -2.03
CA HIS A 341 -22.98 -9.31 -2.31
C HIS A 341 -21.50 -9.00 -2.12
N LEU A 342 -21.00 -9.33 -0.94
CA LEU A 342 -19.60 -9.03 -0.61
C LEU A 342 -18.67 -10.24 -0.84
N LEU A 343 -17.63 -10.01 -1.63
CA LEU A 343 -16.60 -11.03 -1.88
C LEU A 343 -15.37 -10.88 -0.97
N LEU A 344 -15.06 -11.94 -0.20
CA LEU A 344 -13.90 -11.94 0.67
C LEU A 344 -13.01 -13.12 0.39
N GLY A 345 -11.69 -13.00 0.59
CA GLY A 345 -10.84 -14.16 0.40
C GLY A 345 -9.42 -13.95 -0.01
N GLY A 346 -8.61 -15.02 0.09
CA GLY A 346 -7.20 -15.00 -0.27
C GLY A 346 -6.33 -15.36 0.93
N ASP A 347 -5.19 -14.71 1.02
CA ASP A 347 -4.28 -14.93 2.12
C ASP A 347 -4.55 -13.87 3.17
N GLY A 348 -5.29 -14.24 4.20
CA GLY A 348 -5.62 -13.32 5.30
C GLY A 348 -4.45 -12.94 6.21
N LYS A 349 -3.30 -13.62 6.06
CA LYS A 349 -2.09 -13.28 6.79
C LYS A 349 -2.23 -13.40 8.33
N SER A 350 -3.08 -14.33 8.76
CA SER A 350 -3.34 -14.56 10.19
C SER A 350 -4.15 -13.44 10.85
N ALA A 351 -4.67 -12.52 10.02
CA ALA A 351 -5.44 -11.39 10.55
C ALA A 351 -6.73 -11.87 11.24
N ASP A 352 -7.11 -11.17 12.31
CA ASP A 352 -8.38 -11.40 12.99
C ASP A 352 -9.46 -10.74 12.11
N PHE A 353 -10.41 -11.52 11.61
CA PHE A 353 -11.46 -10.98 10.75
C PHE A 353 -12.68 -10.46 11.51
N SER A 354 -12.77 -10.79 12.79
CA SER A 354 -13.90 -10.38 13.68
C SER A 354 -14.40 -8.95 13.45
N PRO A 355 -13.47 -7.98 13.42
CA PRO A 355 -13.88 -6.59 13.22
C PRO A 355 -14.88 -6.41 12.07
N LEU A 356 -14.86 -7.30 11.08
CA LEU A 356 -15.81 -7.16 9.96
C LEU A 356 -17.26 -7.49 10.37
N ALA A 357 -17.42 -8.52 11.19
CA ALA A 357 -18.73 -9.02 11.61
C ALA A 357 -19.79 -7.97 11.94
N ARG A 358 -19.42 -6.92 12.68
CA ARG A 358 -20.38 -5.90 13.07
C ARG A 358 -20.99 -5.18 11.89
N TYR A 359 -20.41 -5.37 10.71
CA TYR A 359 -20.90 -4.71 9.51
C TYR A 359 -21.66 -5.73 8.70
N LEU A 360 -21.60 -7.00 9.14
CA LEU A 360 -22.24 -8.08 8.42
C LEU A 360 -23.64 -8.59 8.86
N ASN A 361 -24.34 -7.82 9.69
CA ASN A 361 -25.70 -8.19 10.13
C ASN A 361 -26.80 -7.67 9.19
N GLY A 362 -28.04 -8.02 9.50
CA GLY A 362 -29.12 -7.51 8.69
C GLY A 362 -29.54 -8.54 7.66
N ASP A 363 -30.60 -8.22 6.91
CA ASP A 363 -31.14 -9.17 5.97
C ASP A 363 -30.66 -8.88 4.57
N ASN A 364 -29.81 -7.87 4.44
CA ASN A 364 -29.40 -7.46 3.13
C ASN A 364 -27.93 -7.72 2.82
N VAL A 365 -27.39 -8.79 3.37
CA VAL A 365 -25.99 -9.14 3.17
C VAL A 365 -25.79 -10.59 2.66
N ARG A 366 -24.87 -10.75 1.72
CA ARG A 366 -24.50 -12.06 1.23
C ARG A 366 -22.97 -12.10 1.15
N LEU A 367 -22.37 -13.18 1.64
CA LEU A 367 -20.92 -13.31 1.61
C LEU A 367 -20.52 -14.40 0.65
N TYR A 368 -19.48 -14.13 -0.15
CA TYR A 368 -18.97 -15.08 -1.11
C TYR A 368 -17.46 -15.11 -0.86
N CYS A 369 -17.05 -16.09 -0.05
CA CYS A 369 -15.70 -16.24 0.45
C CYS A 369 -14.92 -17.29 -0.33
N PHE A 370 -13.74 -16.92 -0.81
CA PHE A 370 -12.89 -17.84 -1.61
C PHE A 370 -11.40 -17.77 -1.20
N GLY A 371 -10.53 -18.42 -1.96
CA GLY A 371 -9.07 -18.43 -1.70
C GLY A 371 -8.70 -19.25 -0.48
N ARG A 372 -7.44 -19.14 -0.04
CA ARG A 372 -6.93 -19.88 1.10
C ARG A 372 -7.80 -19.79 2.35
N ASP A 373 -8.11 -18.58 2.80
CA ASP A 373 -8.89 -18.40 4.03
C ASP A 373 -10.39 -18.27 3.90
N GLY A 374 -10.91 -18.72 2.76
CA GLY A 374 -12.34 -18.68 2.52
C GLY A 374 -13.18 -19.18 3.69
N ALA A 375 -12.88 -20.36 4.18
CA ALA A 375 -13.64 -20.96 5.26
C ALA A 375 -13.69 -20.05 6.46
N GLN A 376 -12.53 -19.50 6.81
CA GLN A 376 -12.39 -18.64 7.95
C GLN A 376 -13.21 -17.37 7.78
N LEU A 377 -13.37 -16.96 6.51
CA LEU A 377 -14.14 -15.77 6.19
C LEU A 377 -15.64 -16.03 6.17
N ALA A 378 -16.04 -17.22 5.73
CA ALA A 378 -17.44 -17.64 5.76
C ALA A 378 -17.96 -17.68 7.20
N ALA A 379 -17.07 -18.04 8.14
CA ALA A 379 -17.41 -18.16 9.55
C ALA A 379 -17.88 -16.87 10.23
N LEU A 380 -17.64 -15.72 9.62
CA LEU A 380 -18.12 -14.46 10.17
C LEU A 380 -19.64 -14.46 10.33
N ARG A 381 -20.30 -15.22 9.48
CA ARG A 381 -21.75 -15.35 9.49
C ARG A 381 -22.11 -16.37 8.45
N PRO A 382 -22.00 -17.64 8.85
CA PRO A 382 -22.14 -18.80 7.97
C PRO A 382 -23.55 -18.88 7.37
N GLU A 383 -24.54 -18.31 8.05
CA GLU A 383 -25.94 -18.39 7.57
C GLU A 383 -26.21 -17.58 6.28
N VAL A 384 -25.39 -16.57 6.02
CA VAL A 384 -25.49 -15.75 4.80
C VAL A 384 -24.26 -15.90 3.89
N ALA A 385 -23.42 -16.91 4.16
CA ALA A 385 -22.15 -17.05 3.39
C ALA A 385 -22.06 -18.27 2.52
N GLU A 386 -21.44 -18.09 1.37
CA GLU A 386 -21.14 -19.17 0.44
C GLU A 386 -19.63 -19.23 0.34
N GLN A 387 -19.09 -20.42 0.09
CA GLN A 387 -17.63 -20.58 0.00
C GLN A 387 -17.22 -21.36 -1.25
N THR A 388 -16.41 -20.74 -2.10
CA THR A 388 -15.92 -21.43 -3.27
C THR A 388 -14.41 -21.47 -3.18
N GLU A 389 -13.76 -22.04 -4.18
CA GLU A 389 -12.32 -22.11 -4.18
C GLU A 389 -11.78 -20.81 -4.75
N THR A 390 -12.31 -20.40 -5.90
CA THR A 390 -11.82 -19.20 -6.57
C THR A 390 -12.84 -18.05 -6.54
N MET A 391 -12.38 -16.87 -6.94
CA MET A 391 -13.25 -15.70 -7.03
C MET A 391 -14.21 -15.75 -8.24
N GLU A 392 -13.72 -16.31 -9.35
CA GLU A 392 -14.58 -16.48 -10.53
C GLU A 392 -15.79 -17.39 -10.20
N GLN A 393 -15.58 -18.43 -9.39
CA GLN A 393 -16.67 -19.32 -9.00
C GLN A 393 -17.65 -18.54 -8.12
N ALA A 394 -17.09 -17.77 -7.20
CA ALA A 394 -17.85 -16.94 -6.27
C ALA A 394 -18.74 -15.99 -7.04
N MET A 395 -18.20 -15.41 -8.10
CA MET A 395 -18.96 -14.48 -8.91
C MET A 395 -20.04 -15.10 -9.80
N ARG A 396 -19.70 -16.21 -10.46
CA ARG A 396 -20.69 -16.88 -11.28
C ARG A 396 -21.77 -17.41 -10.36
N LEU A 397 -21.42 -17.59 -9.09
CA LEU A 397 -22.40 -18.05 -8.08
C LEU A 397 -23.38 -16.92 -7.63
N LEU A 398 -22.87 -15.70 -7.52
CA LEU A 398 -23.67 -14.59 -7.03
C LEU A 398 -24.41 -13.85 -8.14
N ALA A 399 -23.85 -13.84 -9.34
CA ALA A 399 -24.42 -13.06 -10.44
C ALA A 399 -25.91 -13.34 -10.62
N PRO A 400 -26.29 -14.63 -10.69
CA PRO A 400 -27.71 -14.97 -10.85
C PRO A 400 -28.60 -14.39 -9.76
N ARG A 401 -28.06 -14.21 -8.56
CA ARG A 401 -28.85 -13.72 -7.44
C ARG A 401 -28.88 -12.20 -7.36
N VAL A 402 -28.19 -11.54 -8.27
CA VAL A 402 -28.11 -10.10 -8.22
C VAL A 402 -29.38 -9.47 -8.77
N GLN A 403 -30.00 -8.62 -7.95
CA GLN A 403 -31.26 -7.94 -8.28
C GLN A 403 -31.00 -6.43 -8.43
N PRO A 404 -31.91 -5.70 -9.10
CA PRO A 404 -31.78 -4.26 -9.23
C PRO A 404 -31.78 -3.65 -7.84
N GLY A 405 -30.85 -2.76 -7.57
CA GLY A 405 -30.75 -2.19 -6.23
C GLY A 405 -29.58 -2.78 -5.48
N ASP A 406 -28.99 -3.85 -6.00
CA ASP A 406 -27.89 -4.53 -5.28
C ASP A 406 -26.51 -3.94 -5.56
N MET A 407 -25.55 -4.35 -4.75
CA MET A 407 -24.18 -3.93 -4.97
C MET A 407 -23.29 -5.17 -4.89
N VAL A 408 -22.42 -5.35 -5.86
CA VAL A 408 -21.46 -6.46 -5.79
C VAL A 408 -20.15 -5.78 -5.44
N LEU A 409 -19.63 -6.11 -4.25
CA LEU A 409 -18.41 -5.49 -3.73
C LEU A 409 -17.28 -6.48 -3.50
N LEU A 410 -16.21 -6.29 -4.27
CA LEU A 410 -14.97 -7.07 -4.09
C LEU A 410 -14.04 -6.26 -3.19
N SER A 411 -14.01 -6.59 -1.89
CA SER A 411 -13.17 -5.92 -0.86
C SER A 411 -12.80 -7.07 0.10
N PRO A 412 -11.93 -7.98 -0.37
CA PRO A 412 -11.56 -9.27 0.26
C PRO A 412 -10.84 -9.26 1.62
N ALA A 413 -10.31 -8.12 2.05
CA ALA A 413 -9.65 -8.05 3.35
C ALA A 413 -8.40 -8.90 3.44
N CYS A 414 -7.91 -9.40 2.29
CA CYS A 414 -6.75 -10.29 2.26
C CYS A 414 -5.82 -10.00 1.09
N ALA A 415 -4.60 -10.52 1.17
CA ALA A 415 -3.68 -10.46 0.05
C ALA A 415 -4.23 -11.45 -0.99
N SER A 416 -3.83 -11.29 -2.23
CA SER A 416 -4.25 -12.18 -3.30
C SER A 416 -3.13 -13.11 -3.71
N LEU A 417 -1.97 -12.96 -3.10
CA LEU A 417 -0.77 -13.71 -3.50
C LEU A 417 -0.98 -15.23 -3.53
N ASP A 418 -2.00 -15.73 -2.86
CA ASP A 418 -2.27 -17.19 -2.87
C ASP A 418 -2.82 -17.73 -4.19
N GLN A 419 -3.48 -16.88 -4.99
CA GLN A 419 -4.06 -17.32 -6.26
C GLN A 419 -3.82 -16.31 -7.38
N PHE A 420 -3.22 -15.16 -7.05
CA PHE A 420 -2.96 -14.11 -8.03
C PHE A 420 -1.56 -13.54 -7.89
N LYS A 421 -1.13 -12.83 -8.93
CA LYS A 421 0.20 -12.20 -8.94
C LYS A 421 0.17 -11.06 -7.95
N ASN A 422 -0.94 -10.29 -7.95
CA ASN A 422 -1.07 -9.13 -7.09
C ASN A 422 -2.53 -8.66 -7.02
N PHE A 423 -2.86 -7.70 -6.15
CA PHE A 423 -4.21 -7.24 -6.02
C PHE A 423 -4.75 -6.60 -7.31
N GLU A 424 -3.84 -6.08 -8.16
CA GLU A 424 -4.28 -5.50 -9.44
C GLU A 424 -4.79 -6.59 -10.39
N GLN A 425 -4.14 -7.73 -10.43
CA GLN A 425 -4.61 -8.81 -11.27
C GLN A 425 -6.03 -9.26 -10.82
N ARG A 426 -6.19 -9.45 -9.52
CA ARG A 426 -7.45 -9.86 -8.97
C ARG A 426 -8.53 -8.80 -9.29
N GLY A 427 -8.19 -7.52 -9.18
CA GLY A 427 -9.11 -6.47 -9.49
C GLY A 427 -9.50 -6.46 -10.97
N ASN A 428 -8.51 -6.64 -11.85
CA ASN A 428 -8.78 -6.70 -13.28
C ASN A 428 -9.63 -7.92 -13.67
N GLU A 429 -9.40 -9.07 -13.06
CA GLU A 429 -10.23 -10.24 -13.35
C GLU A 429 -11.68 -10.02 -12.88
N PHE A 430 -11.85 -9.28 -11.80
CA PHE A 430 -13.15 -8.96 -11.28
C PHE A 430 -13.91 -8.03 -12.24
N ALA A 431 -13.20 -7.07 -12.85
CA ALA A 431 -13.81 -6.13 -13.79
C ALA A 431 -14.29 -6.84 -15.04
N ARG A 432 -13.48 -7.77 -15.55
CA ARG A 432 -13.85 -8.52 -16.75
C ARG A 432 -15.08 -9.38 -16.48
N LEU A 433 -15.04 -10.08 -15.35
CA LEU A 433 -16.17 -10.92 -14.96
C LEU A 433 -17.46 -10.14 -14.76
N ALA A 434 -17.34 -8.95 -14.18
CA ALA A 434 -18.48 -8.12 -13.84
C ALA A 434 -19.13 -7.65 -15.11
N LYS A 435 -18.32 -7.25 -16.09
CA LYS A 435 -18.88 -6.82 -17.37
C LYS A 435 -19.57 -7.99 -18.03
N GLU A 436 -18.99 -9.18 -17.91
CA GLU A 436 -19.59 -10.37 -18.50
C GLU A 436 -20.94 -10.69 -17.87
N LEU A 437 -20.95 -10.77 -16.55
CA LEU A 437 -22.16 -11.15 -15.85
C LEU A 437 -23.11 -9.98 -15.60
N GLY A 438 -22.62 -8.75 -15.70
CA GLY A 438 -23.44 -7.57 -15.39
C GLY A 438 -24.36 -7.14 -16.53
N SER A 439 -24.31 -7.89 -17.64
CA SER A 439 -25.19 -7.65 -18.77
C SER A 439 -25.78 -8.92 -19.38
N HIS A 440 -26.75 -8.79 -20.16
S SO4 B . -4.65 3.01 -0.51
O1 SO4 B . -3.25 2.73 -0.15
O2 SO4 B . -4.90 4.44 -0.53
O3 SO4 B . -4.87 2.45 -1.86
O4 SO4 B . -5.56 2.44 0.49
O28 LK3 C . 2.92 -7.29 1.94
S11 LK3 C . 3.42 -6.76 0.67
O27 LK3 C . 4.12 -5.47 0.95
N LK3 C . 2.18 -6.45 -0.32
CA LK3 C . 1.07 -7.42 -0.28
C LK3 C . 0.26 -7.23 1.02
OXT LK3 C . 0.15 -6.06 1.43
O LK3 C . -0.24 -8.24 1.59
CB LK3 C . 0.22 -7.27 -1.56
CG LK3 C . -0.94 -8.25 -1.57
CD LK3 C . -1.67 -8.27 -2.90
OE2 LK3 C . -1.22 -7.55 -3.81
OE1 LK3 C . -2.68 -9.00 -2.99
C12 LK3 C . 4.44 -7.91 -0.07
C17 LK3 C . 4.17 -9.27 0.11
C16 LK3 C . 4.94 -10.27 -0.47
C15 LK3 C . 6.02 -9.92 -1.26
C21 LK3 C . 6.80 -10.91 -1.86
C20 LK3 C . 7.89 -10.58 -2.68
C19 LK3 C . 8.23 -9.23 -2.88
C18 LK3 C . 7.46 -8.23 -2.25
C14 LK3 C . 6.34 -8.57 -1.45
C13 LK3 C . 5.55 -7.57 -0.87
O22 LK3 C . 8.60 -11.56 -3.33
C23 LK3 C . 8.55 -12.86 -2.74
C24 LK3 C . 9.75 -12.94 -1.78
C25 LK3 C . 11.04 -12.88 -2.60
C26 LK3 C . 12.22 -13.04 -1.64
C30 LK3 C . 13.53 -12.97 -2.41
#